data_3ZKS
#
_entry.id   3ZKS
#
_cell.length_a   64.101
_cell.length_b   74.764
_cell.length_c   108.721
_cell.angle_alpha   90.00
_cell.angle_beta   90.00
_cell.angle_gamma   90.00
#
_symmetry.space_group_name_H-M   'P 21 21 21'
#
loop_
_entity.id
_entity.type
_entity.pdbx_description
1 polymer 'BETA-SECRETASE 2'
2 polymer XA4813
3 non-polymer '5-(2,2,2-Trifluoro-ethoxy)-pyridine-2-carboxylic acid [3-((S)-2-amino-1,4-dimethyl-6-oxo-1,4,5,6-tetrahydro-pyrimidin-4-yl)-phenyl]-amide'
4 water water
#
loop_
_entity_poly.entity_id
_entity_poly.type
_entity_poly.pdbx_seq_one_letter_code
_entity_poly.pdbx_strand_id
1 'polypeptide(L)'
;ANFLAMVDNLQGDSGRGYYLEMLIGTPPQKLQILVDTGSSNFAVAGTPHSYIDTYFDTERSSTYRSKGFDVTVKYTQGSW
TGFVGEDLVTIPKGFNTSFLVNIATIFESENFFLPGIKWNGILGLAYATLAKPSSSLETFFDSLVTQANIPNVFSMQMCG
AGLPVAGSGTNGGSLVLGGIEPSLYKGDIWYTPIKEEWYYQIEILKLEIGGQSLNLDCREYNADKAIVDSGTTLLRLPQK
VFDAVVEAVARASLIPEFSDGFWTGSQLACWTNSETPWSYFPKISIYLRDENSSRSFRITILPQLYIQPMMGAGLNYECY
RFGISPSTNALVIGATVMEGFYVIFDRAQKRVGFAASPCAEIAGAAVSEISGPFSTEDVASNCVPA
;
A
2 'polypeptide(L)'
;QVQLQESGGGLVQPGGSLRLSCAASGFTFSSAIMTWVRQAPGKGREWVSTIGSDGSITTYADSVKGRFTISRDNARNTLY
LQMNSLKPEDTAVYYCTSAGRRGPGTQVTVSSHHHHHHEPEA
;
D
#
loop_
_chem_comp.id
_chem_comp.type
_chem_comp.name
_chem_comp.formula
WZV non-polymer '5-(2,2,2-Trifluoro-ethoxy)-pyridine-2-carboxylic acid [3-((S)-2-amino-1,4-dimethyl-6-oxo-1,4,5,6-tetrahydro-pyrimidin-4-yl)-phenyl]-amide' 'C20 H20 F3 N5 O3'
#
# COMPACT_ATOMS: atom_id res chain seq x y z
N ALA A 1 0.35 -8.11 15.64
CA ALA A 1 0.16 -6.64 15.68
C ALA A 1 -0.86 -6.17 16.75
N ASN A 2 -0.71 -4.90 17.13
CA ASN A 2 -1.66 -4.22 17.98
C ASN A 2 -2.26 -3.00 17.25
N PHE A 3 -3.45 -3.17 16.66
CA PHE A 3 -4.07 -2.11 15.82
C PHE A 3 -4.40 -0.81 16.56
N LEU A 4 -4.82 -0.94 17.82
CA LEU A 4 -5.16 0.22 18.65
C LEU A 4 -3.96 1.14 18.85
N ALA A 5 -2.75 0.55 19.01
CA ALA A 5 -1.48 1.30 18.97
C ALA A 5 -1.17 1.99 17.60
N MET A 6 -1.91 1.64 16.55
CA MET A 6 -1.63 2.21 15.22
C MET A 6 -2.42 3.48 14.92
N VAL A 7 -3.51 3.70 15.67
CA VAL A 7 -4.34 4.92 15.58
C VAL A 7 -3.47 6.14 15.85
N ASP A 8 -3.48 7.09 14.93
CA ASP A 8 -2.65 8.31 15.01
C ASP A 8 -1.19 8.11 14.73
N ASN A 9 -0.81 7.05 14.01
CA ASN A 9 0.60 6.85 13.66
C ASN A 9 1.09 7.65 12.46
N LEU A 10 0.20 8.39 11.80
CA LEU A 10 0.61 9.28 10.69
C LEU A 10 0.71 10.77 11.05
N GLN A 11 1.61 11.47 10.36
CA GLN A 11 1.72 12.93 10.46
C GLN A 11 1.70 13.58 9.06
N GLY A 12 1.40 14.88 9.01
CA GLY A 12 1.63 15.69 7.79
C GLY A 12 0.46 15.93 6.84
N GLY A 17 2.47 15.53 2.16
CA GLY A 17 1.65 14.30 2.21
C GLY A 17 1.58 13.73 3.62
N TYR A 18 1.09 12.49 3.76
CA TYR A 18 1.09 11.80 5.08
C TYR A 18 2.18 10.74 5.22
N TYR A 19 2.89 10.81 6.35
CA TYR A 19 4.05 9.95 6.55
C TYR A 19 4.11 9.22 7.89
N LEU A 20 4.83 8.12 7.88
CA LEU A 20 4.97 7.22 9.01
C LEU A 20 6.40 7.31 9.59
N GLU A 21 6.57 7.29 10.91
CA GLU A 21 7.94 7.23 11.46
C GLU A 21 8.44 5.77 11.42
N MET A 22 9.60 5.56 10.80
CA MET A 22 10.15 4.22 10.73
C MET A 22 11.58 4.20 11.22
N LEU A 23 12.00 3.11 11.85
CA LEU A 23 13.37 2.98 12.34
C LEU A 23 14.07 1.92 11.52
N ILE A 24 15.15 2.33 10.84
CA ILE A 24 15.88 1.45 9.96
C ILE A 24 17.27 1.14 10.52
N GLY A 25 17.62 -0.15 10.58
CA GLY A 25 18.97 -0.57 10.89
C GLY A 25 19.34 -0.65 12.36
N THR A 26 20.62 -0.93 12.61
CA THR A 26 21.13 -1.19 13.96
C THR A 26 22.42 -0.39 14.15
N PRO A 27 22.46 0.57 15.13
CA PRO A 27 21.32 1.08 15.90
C PRO A 27 20.32 1.75 14.94
N PRO A 28 19.02 1.76 15.30
CA PRO A 28 17.96 2.34 14.49
C PRO A 28 18.24 3.79 14.06
N GLN A 29 17.87 4.14 12.82
CA GLN A 29 17.92 5.52 12.31
C GLN A 29 16.48 5.87 11.96
N LYS A 30 15.97 7.01 12.41
CA LYS A 30 14.55 7.30 12.27
C LYS A 30 14.30 8.07 10.99
N LEU A 31 13.39 7.57 10.17
CA LEU A 31 13.01 8.30 8.95
C LEU A 31 11.51 8.58 8.96
N GLN A 32 11.12 9.51 8.08
CA GLN A 32 9.75 9.95 7.92
C GLN A 32 9.31 9.51 6.53
N ILE A 33 8.37 8.57 6.46
CA ILE A 33 8.16 7.89 5.20
C ILE A 33 6.75 8.06 4.67
N LEU A 34 6.64 8.59 3.45
CA LEU A 34 5.36 8.79 2.79
C LEU A 34 4.67 7.45 2.53
N VAL A 35 3.40 7.35 2.89
CA VAL A 35 2.60 6.15 2.63
C VAL A 35 1.99 6.22 1.21
N ASP A 36 2.41 5.30 0.33
CA ASP A 36 2.09 5.41 -1.10
C ASP A 36 1.45 4.14 -1.63
N THR A 37 0.14 4.17 -1.79
CA THR A 37 -0.56 2.95 -2.25
C THR A 37 -0.43 2.84 -3.74
N GLY A 38 0.31 3.78 -4.36
CA GLY A 38 0.49 3.79 -5.81
C GLY A 38 1.87 3.38 -6.34
N SER A 39 2.73 2.86 -5.48
CA SER A 39 3.98 2.27 -5.95
C SER A 39 4.29 1.11 -5.01
N SER A 40 5.41 0.42 -5.25
CA SER A 40 5.68 -0.85 -4.61
C SER A 40 7.09 -1.01 -4.05
N ASN A 41 7.83 0.08 -3.94
CA ASN A 41 9.22 0.06 -3.47
C ASN A 41 9.33 0.80 -2.14
N PHE A 42 10.15 0.24 -1.26
CA PHE A 42 10.61 0.93 -0.08
C PHE A 42 11.91 1.63 -0.47
N ALA A 43 11.82 2.97 -0.60
CA ALA A 43 12.95 3.77 -1.06
C ALA A 43 13.15 4.94 -0.13
N VAL A 44 14.40 5.20 0.23
CA VAL A 44 14.71 6.31 1.14
C VAL A 44 15.95 7.08 0.69
N ALA A 45 16.00 8.36 1.06
CA ALA A 45 17.19 9.16 0.85
C ALA A 45 18.39 8.46 1.44
N GLY A 46 19.43 8.33 0.64
CA GLY A 46 20.70 7.75 1.05
C GLY A 46 21.86 8.73 1.20
N THR A 47 21.70 9.93 0.65
CA THR A 47 22.73 10.98 0.73
C THR A 47 22.04 12.27 1.21
N PRO A 48 22.82 13.26 1.72
CA PRO A 48 22.24 14.59 1.94
C PRO A 48 21.73 15.15 0.61
N HIS A 49 20.67 15.97 0.66
CA HIS A 49 20.04 16.55 -0.53
C HIS A 49 19.24 17.76 -0.06
N SER A 50 19.16 18.79 -0.88
CA SER A 50 18.33 19.94 -0.51
C SER A 50 16.89 19.51 -0.24
N TYR A 51 16.26 20.21 0.70
CA TYR A 51 14.86 20.01 1.12
C TYR A 51 14.58 18.73 1.89
N ILE A 52 15.60 18.15 2.53
CA ILE A 52 15.42 17.12 3.60
C ILE A 52 16.36 17.30 4.83
N ASP A 53 15.84 16.96 6.01
CA ASP A 53 16.59 16.97 7.27
C ASP A 53 17.57 15.81 7.30
N THR A 54 17.02 14.62 7.06
CA THR A 54 17.67 13.39 7.41
C THR A 54 17.74 12.42 6.20
N TYR A 55 18.62 11.43 6.32
CA TYR A 55 18.78 10.37 5.34
C TYR A 55 19.30 9.10 6.03
N PHE A 56 19.17 7.98 5.35
CA PHE A 56 19.62 6.71 5.89
C PHE A 56 21.08 6.50 5.49
N ASP A 57 21.95 6.46 6.49
CA ASP A 57 23.39 6.22 6.23
C ASP A 57 23.68 4.72 6.39
N THR A 58 23.82 4.02 5.28
CA THR A 58 23.97 2.56 5.34
C THR A 58 25.24 2.15 6.07
N GLU A 59 26.27 3.00 5.94
CA GLU A 59 27.51 2.81 6.62
C GLU A 59 27.36 2.85 8.14
N ARG A 60 26.28 3.43 8.68
CA ARG A 60 26.13 3.46 10.13
C ARG A 60 25.27 2.32 10.68
N SER A 61 24.79 1.44 9.81
CA SER A 61 24.00 0.28 10.27
C SER A 61 24.81 -0.99 10.17
N SER A 62 25.02 -1.65 11.31
CA SER A 62 25.75 -2.92 11.35
C SER A 62 24.99 -4.09 10.73
N THR A 63 23.66 -4.01 10.61
CA THR A 63 22.90 -5.10 9.97
C THR A 63 22.63 -4.93 8.46
N TYR A 64 22.89 -3.74 7.91
CA TYR A 64 22.66 -3.50 6.50
C TYR A 64 23.46 -4.46 5.60
N ARG A 65 22.88 -4.94 4.49
CA ARG A 65 23.63 -5.74 3.52
C ARG A 65 23.29 -5.26 2.14
N SER A 66 24.30 -5.03 1.31
CA SER A 66 24.09 -4.57 -0.04
C SER A 66 23.86 -5.76 -0.94
N LYS A 67 22.94 -5.60 -1.89
CA LYS A 67 22.65 -6.64 -2.88
C LYS A 67 23.60 -6.55 -4.05
N GLY A 68 24.36 -5.46 -4.13
CA GLY A 68 25.36 -5.24 -5.18
C GLY A 68 24.78 -4.87 -6.56
N PHE A 69 23.56 -4.33 -6.60
CA PHE A 69 23.03 -3.74 -7.80
C PHE A 69 22.13 -2.53 -7.50
N ASP A 70 21.94 -1.69 -8.52
CA ASP A 70 21.20 -0.43 -8.39
C ASP A 70 19.79 -0.57 -8.91
N VAL A 71 18.93 0.40 -8.60
CA VAL A 71 17.63 0.47 -9.24
C VAL A 71 17.28 1.91 -9.65
N THR A 72 16.72 2.06 -10.86
CA THR A 72 16.21 3.37 -11.34
C THR A 72 14.69 3.31 -11.55
N VAL A 73 13.99 4.28 -11.00
CA VAL A 73 12.55 4.37 -11.20
C VAL A 73 12.33 5.70 -11.91
N LYS A 74 11.57 5.65 -12.99
CA LYS A 74 11.11 6.86 -13.69
C LYS A 74 9.58 6.97 -13.56
N TYR A 75 9.12 8.13 -13.13
N TYR A 75 9.11 8.16 -13.20
CA TYR A 75 7.70 8.47 -13.25
CA TYR A 75 7.69 8.48 -13.24
C TYR A 75 7.54 9.67 -14.21
C TYR A 75 7.45 9.48 -14.38
N THR A 76 6.32 10.18 -14.36
CA THR A 76 6.03 11.22 -15.35
C THR A 76 6.78 12.53 -15.06
N GLN A 77 6.70 13.04 -13.84
CA GLN A 77 7.39 14.30 -13.56
C GLN A 77 8.80 14.15 -12.94
N GLY A 78 9.40 12.97 -13.06
CA GLY A 78 10.67 12.73 -12.37
C GLY A 78 11.13 11.30 -12.23
N SER A 79 12.12 11.09 -11.34
CA SER A 79 12.84 9.83 -11.19
C SER A 79 13.82 9.81 -10.02
N TRP A 80 14.29 8.61 -9.69
CA TRP A 80 15.38 8.40 -8.71
C TRP A 80 16.19 7.13 -9.02
N THR A 81 17.44 7.12 -8.58
CA THR A 81 18.28 5.94 -8.62
C THR A 81 18.88 5.68 -7.22
N GLY A 82 18.88 4.41 -6.80
CA GLY A 82 19.32 4.01 -5.48
C GLY A 82 20.03 2.66 -5.46
N PHE A 83 20.84 2.41 -4.44
CA PHE A 83 21.41 1.07 -4.21
C PHE A 83 20.30 0.23 -3.59
N VAL A 84 20.26 -1.05 -3.96
CA VAL A 84 19.33 -2.03 -3.38
C VAL A 84 20.04 -2.83 -2.26
N GLY A 85 19.48 -2.81 -1.06
CA GLY A 85 20.03 -3.63 0.01
C GLY A 85 18.93 -4.25 0.83
N GLU A 86 19.27 -4.73 2.01
CA GLU A 86 18.29 -5.29 2.93
C GLU A 86 18.71 -4.83 4.30
N ASP A 87 17.74 -4.58 5.18
CA ASP A 87 18.04 -4.26 6.56
C ASP A 87 16.84 -4.50 7.47
N LEU A 88 17.04 -4.38 8.78
CA LEU A 88 16.00 -4.61 9.77
C LEU A 88 15.22 -3.33 10.04
N VAL A 89 13.89 -3.44 9.96
CA VAL A 89 13.00 -2.28 10.18
C VAL A 89 12.02 -2.47 11.36
N THR A 90 11.83 -1.41 12.13
CA THR A 90 10.88 -1.40 13.24
C THR A 90 9.84 -0.31 12.96
N ILE A 91 8.58 -0.57 13.31
CA ILE A 91 7.52 0.45 13.28
C ILE A 91 7.07 0.66 14.73
N PRO A 92 7.56 1.75 15.38
CA PRO A 92 7.43 1.90 16.83
C PRO A 92 5.97 1.94 17.26
N LYS A 93 5.14 2.52 16.41
CA LYS A 93 3.71 2.60 16.66
C LYS A 93 2.99 1.46 15.92
N GLY A 94 3.02 0.25 16.52
CA GLY A 94 2.35 -0.93 15.96
C GLY A 94 2.85 -2.35 16.26
N PHE A 95 4.17 -2.53 16.22
CA PHE A 95 4.82 -3.84 16.42
C PHE A 95 5.96 -3.64 17.39
N ASN A 96 6.24 -4.65 18.20
CA ASN A 96 7.34 -4.54 19.16
C ASN A 96 8.61 -5.28 18.69
N THR A 97 8.55 -5.84 17.51
CA THR A 97 9.65 -6.59 16.90
C THR A 97 10.17 -5.88 15.63
N SER A 98 11.32 -6.29 15.11
CA SER A 98 11.77 -5.77 13.82
C SER A 98 11.75 -6.83 12.73
N PHE A 99 11.77 -6.39 11.47
CA PHE A 99 11.59 -7.28 10.32
C PHE A 99 12.62 -7.02 9.24
N LEU A 100 13.01 -8.10 8.56
CA LEU A 100 13.99 -8.01 7.48
C LEU A 100 13.31 -7.65 6.19
N VAL A 101 13.57 -6.44 5.67
CA VAL A 101 13.01 -5.97 4.37
C VAL A 101 14.05 -5.55 3.34
N ASN A 102 13.61 -5.45 2.08
CA ASN A 102 14.40 -4.86 1.02
C ASN A 102 14.31 -3.35 1.11
N ILE A 103 15.40 -2.68 0.74
CA ILE A 103 15.42 -1.21 0.79
C ILE A 103 16.23 -0.64 -0.39
N ALA A 104 15.78 0.50 -0.90
CA ALA A 104 16.53 1.22 -1.93
C ALA A 104 16.98 2.53 -1.30
N THR A 105 18.28 2.80 -1.29
CA THR A 105 18.85 4.05 -0.76
C THR A 105 19.25 4.94 -1.93
N ILE A 106 18.54 6.07 -2.08
CA ILE A 106 18.58 6.94 -3.27
C ILE A 106 19.84 7.79 -3.19
N PHE A 107 20.65 7.73 -4.25
CA PHE A 107 21.86 8.52 -4.34
C PHE A 107 21.81 9.55 -5.49
N GLU A 108 20.81 9.46 -6.37
CA GLU A 108 20.41 10.58 -7.20
C GLU A 108 18.92 10.58 -7.54
N SER A 109 18.36 11.77 -7.65
CA SER A 109 16.94 11.92 -7.99
C SER A 109 16.71 13.13 -8.88
N GLU A 110 15.83 12.98 -9.86
CA GLU A 110 15.45 14.10 -10.71
C GLU A 110 14.02 14.54 -10.35
N ASN A 111 13.92 15.67 -9.68
CA ASN A 111 12.64 16.30 -9.37
C ASN A 111 11.75 15.43 -8.46
N PHE A 112 12.31 15.01 -7.33
CA PHE A 112 11.69 14.00 -6.46
C PHE A 112 11.57 14.51 -5.03
N PHE A 113 12.65 15.05 -4.48
CA PHE A 113 12.59 15.76 -3.20
C PHE A 113 12.38 17.26 -3.46
N LEU A 114 11.13 17.68 -3.57
CA LEU A 114 10.79 19.07 -3.88
C LEU A 114 10.72 19.90 -2.58
N PRO A 115 10.88 21.25 -2.67
CA PRO A 115 10.85 22.05 -1.42
C PRO A 115 9.53 21.93 -0.62
N GLY A 116 9.65 21.96 0.71
CA GLY A 116 8.49 21.96 1.61
C GLY A 116 7.85 20.64 1.98
N ILE A 117 8.31 19.53 1.39
CA ILE A 117 7.87 18.18 1.77
C ILE A 117 8.53 17.80 3.09
N LYS A 118 7.85 16.99 3.91
CA LYS A 118 8.45 16.59 5.19
C LYS A 118 8.77 15.10 5.34
N TRP A 119 8.62 14.33 4.26
CA TRP A 119 9.09 12.94 4.25
C TRP A 119 10.47 12.83 3.61
N ASN A 120 11.22 11.76 3.92
CA ASN A 120 12.53 11.54 3.28
C ASN A 120 12.70 10.16 2.63
N GLY A 121 11.57 9.47 2.47
CA GLY A 121 11.52 8.19 1.76
C GLY A 121 10.06 7.84 1.48
N ILE A 122 9.87 6.84 0.61
CA ILE A 122 8.54 6.39 0.21
C ILE A 122 8.35 4.92 0.59
N LEU A 123 7.14 4.60 1.05
CA LEU A 123 6.70 3.22 1.32
C LEU A 123 5.59 2.83 0.35
N GLY A 124 5.98 2.09 -0.68
CA GLY A 124 5.06 1.59 -1.70
C GLY A 124 4.28 0.40 -1.19
N LEU A 125 2.96 0.53 -1.20
CA LEU A 125 2.08 -0.46 -0.57
C LEU A 125 1.21 -1.17 -1.59
N ALA A 126 1.58 -1.04 -2.85
CA ALA A 126 0.88 -1.71 -3.92
C ALA A 126 1.53 -3.08 -4.15
N TYR A 127 1.10 -3.74 -5.24
CA TYR A 127 1.42 -5.12 -5.51
C TYR A 127 2.81 -5.36 -6.08
N ALA A 128 3.33 -6.57 -5.82
CA ALA A 128 4.63 -7.02 -6.38
C ALA A 128 4.80 -6.65 -7.87
N THR A 129 3.72 -6.73 -8.63
CA THR A 129 3.88 -6.53 -10.07
C THR A 129 4.48 -5.16 -10.45
N LEU A 130 4.32 -4.14 -9.60
CA LEU A 130 4.90 -2.81 -9.83
C LEU A 130 6.31 -2.65 -9.26
N ALA A 131 6.79 -3.63 -8.50
CA ALA A 131 8.10 -3.49 -7.86
C ALA A 131 9.23 -3.38 -8.88
N LYS A 132 10.24 -2.55 -8.62
CA LYS A 132 11.43 -2.48 -9.48
C LYS A 132 12.67 -2.99 -8.72
N PRO A 133 13.67 -3.60 -9.40
CA PRO A 133 13.84 -3.88 -10.86
C PRO A 133 12.80 -4.85 -11.44
N SER A 134 12.20 -5.67 -10.57
CA SER A 134 11.18 -6.63 -10.97
C SER A 134 10.35 -7.06 -9.77
N SER A 135 9.40 -7.92 -10.06
CA SER A 135 8.37 -8.25 -9.14
C SER A 135 8.88 -9.25 -8.14
N SER A 136 10.11 -9.69 -8.30
CA SER A 136 10.67 -10.60 -7.34
C SER A 136 11.43 -9.86 -6.24
N LEU A 137 11.42 -8.53 -6.27
CA LEU A 137 11.89 -7.75 -5.12
C LEU A 137 10.75 -7.63 -4.13
N GLU A 138 10.79 -8.50 -3.12
CA GLU A 138 9.71 -8.65 -2.17
C GLU A 138 9.32 -7.29 -1.60
N THR A 139 8.03 -6.94 -1.67
CA THR A 139 7.58 -5.60 -1.26
C THR A 139 7.59 -5.51 0.26
N PHE A 140 7.58 -4.29 0.80
CA PHE A 140 7.58 -4.11 2.25
C PHE A 140 6.41 -4.85 2.89
N PHE A 141 5.22 -4.74 2.31
CA PHE A 141 4.05 -5.30 2.98
C PHE A 141 4.01 -6.83 2.88
N ASP A 142 4.50 -7.39 1.76
CA ASP A 142 4.67 -8.84 1.65
C ASP A 142 5.62 -9.40 2.70
N SER A 143 6.73 -8.69 3.00
CA SER A 143 7.59 -9.07 4.13
C SER A 143 6.85 -9.01 5.49
N LEU A 144 6.14 -7.93 5.75
CA LEU A 144 5.49 -7.74 7.04
C LEU A 144 4.43 -8.83 7.28
N VAL A 145 3.61 -9.08 6.26
CA VAL A 145 2.58 -10.10 6.32
C VAL A 145 3.14 -11.46 6.72
N THR A 146 4.22 -11.86 6.07
CA THR A 146 4.84 -13.13 6.32
C THR A 146 5.51 -13.19 7.69
N GLN A 147 6.28 -12.16 8.07
CA GLN A 147 7.07 -12.16 9.29
C GLN A 147 6.30 -11.72 10.56
N ALA A 148 5.29 -10.88 10.39
CA ALA A 148 4.54 -10.37 11.53
C ALA A 148 3.26 -11.15 11.81
N ASN A 149 2.98 -12.18 11.02
CA ASN A 149 1.74 -12.98 11.19
C ASN A 149 0.47 -12.15 11.14
N ILE A 150 0.39 -11.19 10.24
CA ILE A 150 -0.82 -10.38 10.21
C ILE A 150 -1.64 -10.74 8.99
N PRO A 151 -2.96 -10.50 9.05
CA PRO A 151 -3.71 -10.67 7.80
C PRO A 151 -3.20 -9.76 6.62
N ASN A 152 -3.49 -10.16 5.39
CA ASN A 152 -3.04 -9.44 4.17
C ASN A 152 -4.00 -8.33 3.80
N VAL A 153 -4.14 -7.41 4.75
CA VAL A 153 -5.07 -6.29 4.75
C VAL A 153 -4.35 -5.08 5.36
N PHE A 154 -4.60 -3.91 4.83
CA PHE A 154 -4.29 -2.70 5.57
C PHE A 154 -5.34 -1.65 5.25
N SER A 155 -5.38 -0.57 6.04
CA SER A 155 -6.43 0.43 5.88
C SER A 155 -5.87 1.78 6.29
N MET A 156 -6.42 2.86 5.71
CA MET A 156 -5.89 4.21 5.88
C MET A 156 -6.97 5.24 6.21
N GLN A 157 -6.67 6.09 7.18
CA GLN A 157 -7.48 7.26 7.43
C GLN A 157 -6.60 8.49 7.47
N MET A 158 -6.97 9.49 6.67
CA MET A 158 -6.23 10.75 6.64
C MET A 158 -7.15 11.82 7.16
N CYS A 159 -6.72 12.55 8.18
CA CYS A 159 -7.48 13.67 8.70
C CYS A 159 -6.89 15.03 8.28
N GLY A 160 -7.41 15.58 7.17
CA GLY A 160 -6.93 16.87 6.65
C GLY A 160 -7.75 18.02 7.17
N GLY A 172 -2.92 14.79 11.38
CA GLY A 172 -2.37 13.45 11.13
C GLY A 172 -3.37 12.44 10.57
N GLY A 173 -3.17 11.16 10.89
CA GLY A 173 -4.01 10.07 10.37
C GLY A 173 -3.64 8.70 10.93
N SER A 174 -4.16 7.64 10.31
CA SER A 174 -3.87 6.28 10.76
C SER A 174 -3.58 5.36 9.56
N LEU A 175 -2.48 4.61 9.67
CA LEU A 175 -2.24 3.42 8.83
C LEU A 175 -2.32 2.16 9.70
N VAL A 176 -3.37 1.35 9.51
CA VAL A 176 -3.54 0.13 10.30
C VAL A 176 -3.06 -1.04 9.45
N LEU A 177 -1.88 -1.56 9.78
CA LEU A 177 -1.31 -2.69 9.05
C LEU A 177 -1.84 -4.01 9.59
N GLY A 178 -2.55 -4.75 8.74
CA GLY A 178 -3.03 -6.06 9.10
C GLY A 178 -4.46 -6.10 9.57
N GLY A 179 -5.18 -4.99 9.43
CA GLY A 179 -6.62 -5.03 9.68
C GLY A 179 -7.39 -3.74 9.57
N ILE A 180 -8.55 -3.73 10.19
CA ILE A 180 -9.50 -2.62 10.23
C ILE A 180 -9.69 -2.17 11.69
N GLU A 181 -9.57 -0.87 11.97
CA GLU A 181 -9.83 -0.42 13.33
C GLU A 181 -11.27 0.11 13.42
N PRO A 182 -12.11 -0.53 14.27
CA PRO A 182 -13.52 -0.14 14.41
C PRO A 182 -13.71 1.33 14.86
N SER A 183 -12.81 1.87 15.68
CA SER A 183 -12.95 3.25 16.13
C SER A 183 -12.66 4.32 15.08
N LEU A 184 -12.36 3.92 13.84
CA LEU A 184 -11.97 4.88 12.79
C LEU A 184 -13.10 5.15 11.79
N TYR A 185 -14.26 4.53 12.03
CA TYR A 185 -15.42 4.75 11.17
C TYR A 185 -16.72 4.51 11.88
N LYS A 186 -17.79 5.10 11.35
CA LYS A 186 -19.15 4.80 11.73
C LYS A 186 -19.88 4.45 10.43
N GLY A 187 -20.97 3.70 10.55
CA GLY A 187 -21.71 3.27 9.39
C GLY A 187 -21.10 2.00 8.85
N ASP A 188 -21.48 1.63 7.63
CA ASP A 188 -21.04 0.37 7.03
C ASP A 188 -19.88 0.61 6.06
N ILE A 189 -19.09 -0.43 5.86
CA ILE A 189 -18.04 -0.43 4.86
C ILE A 189 -18.66 -0.95 3.56
N TRP A 190 -18.44 -0.24 2.45
CA TRP A 190 -18.78 -0.72 1.12
C TRP A 190 -17.53 -1.20 0.37
N TYR A 191 -17.62 -2.39 -0.21
CA TYR A 191 -16.51 -3.04 -0.88
C TYR A 191 -16.74 -3.10 -2.37
N THR A 192 -15.75 -2.59 -3.09
CA THR A 192 -15.70 -2.71 -4.55
C THR A 192 -14.54 -3.66 -4.94
N PRO A 193 -14.75 -4.55 -5.91
CA PRO A 193 -13.70 -5.48 -6.34
C PRO A 193 -12.45 -4.82 -6.86
N ILE A 194 -11.28 -5.37 -6.54
CA ILE A 194 -10.05 -4.98 -7.23
C ILE A 194 -10.07 -5.63 -8.62
N LYS A 195 -10.00 -4.83 -9.68
CA LYS A 195 -10.11 -5.33 -11.03
C LYS A 195 -8.82 -5.89 -11.60
N GLU A 196 -7.69 -5.36 -11.15
CA GLU A 196 -6.36 -5.84 -11.53
C GLU A 196 -5.43 -5.46 -10.40
N GLU A 197 -4.61 -6.43 -10.02
CA GLU A 197 -3.68 -6.28 -8.93
C GLU A 197 -2.33 -5.78 -9.43
N TRP A 198 -2.22 -4.47 -9.56
CA TRP A 198 -0.96 -3.80 -9.88
C TRP A 198 -0.96 -2.55 -9.03
N TYR A 199 -1.52 -1.45 -9.56
CA TYR A 199 -2.12 -0.40 -8.73
C TYR A 199 -3.34 -1.00 -8.07
N TYR A 200 -3.99 -0.23 -7.19
CA TYR A 200 -5.27 -0.66 -6.66
C TYR A 200 -6.40 -0.23 -7.59
N GLN A 201 -6.54 -0.99 -8.69
CA GLN A 201 -7.44 -0.62 -9.75
C GLN A 201 -8.86 -1.08 -9.48
N ILE A 202 -9.81 -0.15 -9.49
CA ILE A 202 -11.24 -0.42 -9.25
C ILE A 202 -12.14 0.05 -10.41
N GLU A 203 -13.42 -0.32 -10.37
CA GLU A 203 -14.31 -0.01 -11.50
C GLU A 203 -15.22 1.18 -11.19
N ILE A 204 -15.03 2.29 -11.91
CA ILE A 204 -15.91 3.45 -11.78
C ILE A 204 -17.04 3.36 -12.81
N LEU A 205 -18.28 3.50 -12.33
CA LEU A 205 -19.46 3.30 -13.18
C LEU A 205 -20.08 4.59 -13.67
N LYS A 206 -19.82 5.70 -12.98
CA LYS A 206 -20.56 6.94 -13.21
C LYS A 206 -19.98 8.04 -12.34
N LEU A 207 -19.87 9.23 -12.92
CA LEU A 207 -19.65 10.44 -12.14
C LEU A 207 -20.87 11.35 -12.12
N GLU A 208 -21.14 11.92 -10.96
CA GLU A 208 -22.33 12.72 -10.75
C GLU A 208 -21.99 14.07 -10.09
N ILE A 209 -22.46 15.17 -10.68
CA ILE A 209 -22.22 16.51 -10.14
C ILE A 209 -23.52 17.21 -9.78
N GLY A 210 -23.62 17.66 -8.53
CA GLY A 210 -24.82 18.29 -8.00
C GLY A 210 -26.04 17.40 -8.09
N GLY A 211 -25.85 16.12 -8.37
CA GLY A 211 -26.95 15.20 -8.56
C GLY A 211 -27.18 14.89 -10.03
N GLN A 212 -26.47 15.61 -10.91
CA GLN A 212 -26.59 15.43 -12.35
C GLN A 212 -25.45 14.53 -12.83
N SER A 213 -25.79 13.47 -13.54
CA SER A 213 -24.78 12.59 -14.08
C SER A 213 -24.16 13.18 -15.35
N LEU A 214 -22.85 13.04 -15.53
CA LEU A 214 -22.21 13.41 -16.78
C LEU A 214 -22.71 12.43 -17.81
N ASN A 215 -22.75 12.82 -19.07
CA ASN A 215 -23.16 11.87 -20.09
C ASN A 215 -21.99 11.29 -20.85
N LEU A 216 -21.18 10.51 -20.14
CA LEU A 216 -20.03 9.86 -20.73
C LEU A 216 -20.21 8.36 -20.68
N ASP A 217 -19.75 7.68 -21.72
CA ASP A 217 -19.68 6.22 -21.73
C ASP A 217 -18.79 5.81 -20.57
N CYS A 218 -19.30 4.95 -19.71
CA CYS A 218 -18.60 4.54 -18.50
C CYS A 218 -17.16 4.07 -18.73
N ARG A 219 -16.88 3.56 -19.92
CA ARG A 219 -15.50 3.26 -20.32
C ARG A 219 -14.59 4.48 -20.18
N GLU A 220 -15.13 5.69 -20.33
CA GLU A 220 -14.33 6.92 -20.21
C GLU A 220 -13.67 7.05 -18.83
N TYR A 221 -14.34 6.50 -17.81
CA TYR A 221 -13.85 6.60 -16.45
C TYR A 221 -12.75 5.60 -16.12
N ASN A 222 -12.64 4.56 -16.93
CA ASN A 222 -11.65 3.50 -16.68
C ASN A 222 -10.69 3.39 -17.85
N ALA A 223 -10.85 4.33 -18.77
CA ALA A 223 -10.16 4.37 -20.06
C ALA A 223 -8.68 4.13 -19.91
N ASP A 224 -7.97 5.05 -19.27
CA ASP A 224 -6.61 4.72 -18.91
C ASP A 224 -6.68 3.66 -17.80
N LYS A 225 -7.05 4.06 -16.58
CA LYS A 225 -7.43 3.13 -15.50
C LYS A 225 -7.74 3.93 -14.24
N ALA A 226 -8.73 3.49 -13.44
CA ALA A 226 -9.08 4.19 -12.21
C ALA A 226 -8.46 3.48 -10.99
N ILE A 227 -7.69 4.21 -10.20
CA ILE A 227 -6.86 3.59 -9.15
C ILE A 227 -6.98 4.36 -7.84
N VAL A 228 -6.80 3.69 -6.71
CA VAL A 228 -6.78 4.42 -5.43
C VAL A 228 -5.35 4.67 -5.02
N ASP A 229 -4.91 5.93 -5.04
CA ASP A 229 -3.51 6.25 -4.78
C ASP A 229 -3.26 7.34 -3.76
N SER A 230 -2.75 6.95 -2.58
CA SER A 230 -2.42 7.91 -1.53
C SER A 230 -1.19 8.76 -1.83
N GLY A 231 -0.41 8.38 -2.84
CA GLY A 231 0.80 9.16 -3.24
C GLY A 231 0.51 10.20 -4.30
N THR A 232 -0.76 10.41 -4.61
CA THR A 232 -1.22 11.52 -5.46
C THR A 232 -2.10 12.46 -4.57
N THR A 233 -1.90 13.77 -4.69
CA THR A 233 -2.58 14.73 -3.83
C THR A 233 -4.01 14.96 -4.27
N LEU A 234 -4.19 15.10 -5.57
CA LEU A 234 -5.45 15.59 -6.15
C LEU A 234 -6.27 14.48 -6.77
N LEU A 235 -7.55 14.76 -7.01
CA LEU A 235 -8.35 13.89 -7.83
C LEU A 235 -7.92 14.17 -9.27
N ARG A 236 -7.31 13.20 -9.94
CA ARG A 236 -6.86 13.41 -11.32
C ARG A 236 -7.79 12.72 -12.27
N LEU A 237 -8.17 13.43 -13.34
CA LEU A 237 -9.16 12.92 -14.27
C LEU A 237 -8.67 13.02 -15.69
N PRO A 238 -8.96 12.01 -16.52
CA PRO A 238 -8.67 12.10 -17.95
C PRO A 238 -9.26 13.37 -18.59
N GLN A 239 -8.52 13.98 -19.50
CA GLN A 239 -8.89 15.27 -20.11
C GLN A 239 -10.38 15.44 -20.42
N LYS A 240 -10.94 14.52 -21.21
CA LYS A 240 -12.35 14.58 -21.60
C LYS A 240 -13.29 14.59 -20.38
N VAL A 241 -12.95 13.76 -19.39
CA VAL A 241 -13.72 13.64 -18.16
C VAL A 241 -13.57 14.94 -17.34
N PHE A 242 -12.34 15.45 -17.29
CA PHE A 242 -12.02 16.71 -16.59
C PHE A 242 -12.82 17.91 -17.15
N ASP A 243 -12.80 18.10 -18.47
CA ASP A 243 -13.67 19.08 -19.14
C ASP A 243 -15.15 18.90 -18.76
N ALA A 244 -15.65 17.67 -18.84
CA ALA A 244 -17.03 17.37 -18.45
C ALA A 244 -17.39 17.77 -16.99
N VAL A 245 -16.46 17.54 -16.06
CA VAL A 245 -16.61 17.95 -14.66
C VAL A 245 -16.60 19.48 -14.48
N VAL A 246 -15.61 20.15 -15.07
CA VAL A 246 -15.46 21.60 -14.95
C VAL A 246 -16.71 22.31 -15.49
N GLU A 247 -17.15 21.93 -16.69
CA GLU A 247 -18.40 22.45 -17.26
C GLU A 247 -19.57 22.24 -16.29
N ALA A 248 -19.60 21.10 -15.63
CA ALA A 248 -20.74 20.75 -14.78
C ALA A 248 -20.68 21.48 -13.45
N VAL A 249 -19.48 21.74 -12.96
CA VAL A 249 -19.35 22.48 -11.70
C VAL A 249 -19.71 23.94 -11.99
N ALA A 250 -19.11 24.52 -13.03
CA ALA A 250 -19.49 25.84 -13.52
C ALA A 250 -21.03 25.98 -13.67
N ARG A 251 -21.64 25.04 -14.39
N ARG A 251 -21.68 25.09 -14.41
CA ARG A 251 -23.08 25.03 -14.68
CA ARG A 251 -23.12 25.20 -14.63
C ARG A 251 -23.94 25.02 -13.41
C ARG A 251 -23.94 25.12 -13.35
N ALA A 252 -23.43 24.38 -12.37
CA ALA A 252 -24.16 24.13 -11.11
C ALA A 252 -23.82 25.02 -9.93
N SER A 253 -22.89 25.96 -10.08
CA SER A 253 -22.58 26.87 -8.97
C SER A 253 -23.48 28.10 -9.04
N LEU A 254 -23.96 28.54 -7.87
CA LEU A 254 -24.98 29.60 -7.80
C LEU A 254 -24.57 30.91 -8.52
N ILE A 255 -23.42 31.51 -8.15
CA ILE A 255 -22.88 32.67 -8.89
C ILE A 255 -21.60 32.26 -9.66
N PRO A 256 -21.32 32.93 -10.81
CA PRO A 256 -20.02 32.81 -11.52
C PRO A 256 -18.81 33.31 -10.71
N GLU A 257 -18.04 32.37 -10.16
CA GLU A 257 -17.01 32.65 -9.17
C GLU A 257 -15.60 32.40 -9.70
N PHE A 258 -15.49 31.54 -10.71
CA PHE A 258 -14.19 30.99 -11.09
C PHE A 258 -13.73 31.30 -12.52
N SER A 259 -12.54 31.87 -12.63
CA SER A 259 -11.88 32.06 -13.92
C SER A 259 -11.39 30.72 -14.48
N ASP A 260 -11.09 30.69 -15.77
CA ASP A 260 -10.53 29.49 -16.43
C ASP A 260 -9.23 29.12 -15.71
N GLY A 261 -8.50 30.13 -15.28
CA GLY A 261 -7.27 29.98 -14.52
C GLY A 261 -7.40 29.13 -13.26
N PHE A 262 -8.48 29.32 -12.50
CA PHE A 262 -8.79 28.50 -11.34
C PHE A 262 -8.93 27.02 -11.71
N TRP A 263 -9.70 26.72 -12.75
CA TRP A 263 -9.95 25.34 -13.14
C TRP A 263 -8.69 24.61 -13.50
N THR A 264 -7.78 25.31 -14.17
CA THR A 264 -6.53 24.66 -14.57
C THR A 264 -5.40 24.93 -13.58
N GLY A 265 -5.74 25.12 -12.31
CA GLY A 265 -4.75 25.21 -11.22
C GLY A 265 -3.84 26.41 -11.27
N SER A 266 -3.99 27.20 -12.33
CA SER A 266 -3.15 28.35 -12.62
C SER A 266 -3.57 29.62 -11.86
N GLN A 267 -4.65 29.57 -11.08
CA GLN A 267 -5.11 30.72 -10.29
C GLN A 267 -5.82 30.32 -8.97
N LEU A 268 -5.71 31.18 -7.96
CA LEU A 268 -6.41 31.01 -6.68
C LEU A 268 -7.74 31.78 -6.68
N ALA A 269 -8.71 31.32 -5.89
CA ALA A 269 -9.99 32.02 -5.70
C ALA A 269 -10.05 32.50 -4.25
N CYS A 270 -10.26 33.80 -4.02
CA CYS A 270 -10.20 34.36 -2.65
C CYS A 270 -11.49 35.04 -2.15
N TRP A 271 -11.74 34.88 -0.85
CA TRP A 271 -12.78 35.63 -0.12
C TRP A 271 -12.18 36.12 1.19
N THR A 272 -12.82 37.11 1.81
CA THR A 272 -12.29 37.72 3.05
C THR A 272 -12.42 36.85 4.30
N PRO A 277 -18.18 31.10 1.83
CA PRO A 277 -18.37 30.94 0.40
C PRO A 277 -18.39 29.45 0.05
N TRP A 278 -19.41 28.73 0.52
CA TRP A 278 -19.47 27.26 0.33
C TRP A 278 -20.84 26.65 -0.04
N SER A 279 -21.92 27.37 0.21
CA SER A 279 -23.25 26.87 -0.11
C SER A 279 -23.46 26.85 -1.63
N TYR A 280 -22.57 27.52 -2.33
CA TYR A 280 -22.69 27.78 -3.76
C TYR A 280 -22.30 26.64 -4.70
N PHE A 281 -21.51 25.69 -4.21
CA PHE A 281 -20.85 24.69 -5.09
C PHE A 281 -21.38 23.28 -4.86
N PRO A 282 -21.36 22.45 -5.90
CA PRO A 282 -22.08 21.18 -5.77
C PRO A 282 -21.23 20.04 -5.17
N LYS A 283 -21.90 18.96 -4.82
CA LYS A 283 -21.26 17.73 -4.39
C LYS A 283 -20.81 16.94 -5.61
N ILE A 284 -19.72 16.21 -5.46
CA ILE A 284 -19.22 15.37 -6.52
C ILE A 284 -19.25 13.93 -6.06
N SER A 285 -19.94 13.09 -6.84
CA SER A 285 -20.13 11.69 -6.46
C SER A 285 -19.51 10.71 -7.48
N ILE A 286 -18.89 9.67 -6.95
CA ILE A 286 -18.28 8.61 -7.72
C ILE A 286 -18.96 7.30 -7.37
N TYR A 287 -19.50 6.65 -8.39
CA TYR A 287 -20.23 5.39 -8.24
C TYR A 287 -19.30 4.22 -8.50
N LEU A 288 -19.28 3.28 -7.58
CA LEU A 288 -18.38 2.12 -7.64
C LEU A 288 -19.19 0.82 -7.60
N ARG A 289 -18.77 -0.15 -8.40
CA ARG A 289 -19.47 -1.42 -8.42
C ARG A 289 -19.26 -2.16 -7.12
N ASP A 290 -20.35 -2.67 -6.55
CA ASP A 290 -20.29 -3.54 -5.38
C ASP A 290 -19.78 -4.94 -5.82
N GLU A 291 -19.50 -5.78 -4.83
CA GLU A 291 -19.08 -7.19 -5.03
C GLU A 291 -20.15 -7.95 -5.82
N ASN A 292 -21.41 -7.64 -5.51
CA ASN A 292 -22.57 -8.07 -6.29
C ASN A 292 -22.71 -7.05 -7.43
N SER A 293 -22.44 -7.48 -8.65
CA SER A 293 -22.30 -6.53 -9.75
C SER A 293 -23.62 -5.82 -10.15
N SER A 294 -24.75 -6.28 -9.61
CA SER A 294 -26.07 -5.67 -9.89
C SER A 294 -26.26 -4.39 -9.09
N ARG A 295 -25.37 -4.16 -8.13
CA ARG A 295 -25.52 -3.08 -7.18
C ARG A 295 -24.27 -2.22 -7.20
N SER A 296 -24.46 -0.95 -6.86
CA SER A 296 -23.37 -0.02 -6.83
C SER A 296 -23.56 0.83 -5.58
N PHE A 297 -22.50 1.53 -5.17
CA PHE A 297 -22.56 2.48 -4.07
C PHE A 297 -21.87 3.75 -4.51
N ARG A 298 -22.13 4.83 -3.78
CA ARG A 298 -21.65 6.14 -4.19
C ARG A 298 -20.74 6.70 -3.10
N ILE A 299 -19.58 7.23 -3.50
CA ILE A 299 -18.74 7.99 -2.58
C ILE A 299 -18.82 9.47 -3.03
N THR A 300 -19.10 10.36 -2.08
CA THR A 300 -19.45 11.72 -2.41
C THR A 300 -18.55 12.66 -1.62
N ILE A 301 -17.95 13.64 -2.31
CA ILE A 301 -17.22 14.72 -1.65
C ILE A 301 -17.93 16.08 -1.80
N LEU A 302 -17.86 16.86 -0.74
CA LEU A 302 -18.45 18.18 -0.68
C LEU A 302 -17.39 19.20 -1.02
N PRO A 303 -17.82 20.40 -1.45
CA PRO A 303 -16.88 21.43 -1.91
C PRO A 303 -15.70 21.60 -0.97
N GLN A 304 -15.90 21.46 0.34
CA GLN A 304 -14.82 21.62 1.30
C GLN A 304 -13.60 20.74 0.98
N LEU A 305 -13.83 19.51 0.50
CA LEU A 305 -12.74 18.64 0.02
C LEU A 305 -12.11 19.00 -1.36
N TYR A 306 -12.89 19.53 -2.30
CA TYR A 306 -12.29 19.89 -3.60
C TYR A 306 -12.00 21.39 -3.80
N ILE A 307 -12.46 22.23 -2.89
CA ILE A 307 -12.12 23.66 -2.92
C ILE A 307 -11.14 23.91 -1.77
N GLN A 308 -9.86 23.76 -2.08
CA GLN A 308 -8.85 23.53 -1.08
C GLN A 308 -8.11 24.77 -0.60
N PRO A 309 -8.20 25.05 0.71
CA PRO A 309 -7.65 26.24 1.37
C PRO A 309 -6.13 26.20 1.32
N MET A 310 -5.50 27.35 1.05
CA MET A 310 -4.04 27.39 0.87
C MET A 310 -3.38 28.29 1.90
N TYR A 317 -8.29 37.83 3.75
CA TYR A 317 -8.65 36.97 2.64
C TYR A 317 -8.11 35.55 2.80
N GLU A 318 -8.97 34.57 2.54
CA GLU A 318 -8.55 33.17 2.39
C GLU A 318 -8.62 32.77 0.91
N CYS A 319 -7.52 32.23 0.39
CA CYS A 319 -7.48 31.73 -0.99
C CYS A 319 -7.55 30.20 -1.10
N TYR A 320 -8.05 29.74 -2.24
CA TYR A 320 -8.31 28.31 -2.49
C TYR A 320 -7.78 27.88 -3.84
N ARG A 321 -7.30 26.63 -3.88
CA ARG A 321 -6.96 25.97 -5.14
C ARG A 321 -8.01 24.90 -5.43
N PHE A 322 -8.29 24.70 -6.72
CA PHE A 322 -9.15 23.61 -7.20
C PHE A 322 -8.51 22.26 -6.86
N GLY A 323 -9.30 21.30 -6.40
CA GLY A 323 -8.74 20.04 -5.90
C GLY A 323 -8.64 18.96 -6.95
N ILE A 324 -8.87 19.32 -8.20
CA ILE A 324 -8.97 18.34 -9.26
C ILE A 324 -8.07 18.84 -10.39
N SER A 325 -7.43 17.91 -11.09
CA SER A 325 -6.52 18.27 -12.19
C SER A 325 -6.57 17.20 -13.29
N PRO A 326 -6.23 17.58 -14.55
CA PRO A 326 -6.27 16.63 -15.67
C PRO A 326 -5.20 15.56 -15.60
N SER A 327 -5.46 14.44 -16.26
CA SER A 327 -4.47 13.38 -16.34
C SER A 327 -4.49 12.79 -17.74
N THR A 328 -3.31 12.43 -18.23
CA THR A 328 -3.24 11.74 -19.50
C THR A 328 -3.34 10.22 -19.25
N ASN A 329 -2.72 9.76 -18.15
CA ASN A 329 -2.42 8.33 -17.93
C ASN A 329 -3.39 7.49 -17.09
N ALA A 330 -4.29 8.13 -16.33
CA ALA A 330 -5.09 7.44 -15.31
C ALA A 330 -6.18 8.32 -14.69
N LEU A 331 -7.21 7.68 -14.15
CA LEU A 331 -8.11 8.38 -13.24
C LEU A 331 -7.69 8.03 -11.84
N VAL A 332 -7.22 9.04 -11.10
CA VAL A 332 -6.51 8.82 -9.84
C VAL A 332 -7.34 9.38 -8.70
N ILE A 333 -7.86 8.47 -7.88
CA ILE A 333 -8.49 8.80 -6.64
C ILE A 333 -7.43 9.07 -5.57
N GLY A 334 -6.86 10.28 -5.61
CA GLY A 334 -5.85 10.72 -4.66
C GLY A 334 -6.42 11.19 -3.33
N ALA A 335 -5.57 11.85 -2.53
CA ALA A 335 -5.93 12.43 -1.21
C ALA A 335 -7.16 13.33 -1.17
N THR A 336 -7.32 14.21 -2.16
CA THR A 336 -8.56 15.03 -2.29
C THR A 336 -9.78 14.19 -1.89
N VAL A 337 -9.79 12.94 -2.34
CA VAL A 337 -10.92 12.07 -2.05
C VAL A 337 -10.69 11.18 -0.83
N MET A 338 -9.48 10.64 -0.68
CA MET A 338 -9.21 9.72 0.44
C MET A 338 -9.37 10.39 1.80
N GLU A 339 -9.16 11.69 1.86
CA GLU A 339 -9.39 12.50 3.05
C GLU A 339 -10.77 12.36 3.66
N GLY A 340 -11.78 12.01 2.86
CA GLY A 340 -13.14 11.87 3.38
C GLY A 340 -13.54 10.50 3.91
N PHE A 341 -12.69 9.51 3.70
CA PHE A 341 -13.07 8.12 3.91
C PHE A 341 -12.01 7.31 4.65
N TYR A 342 -12.48 6.26 5.33
CA TYR A 342 -11.62 5.23 5.85
C TYR A 342 -11.48 4.26 4.70
N VAL A 343 -10.26 4.10 4.14
CA VAL A 343 -10.08 3.23 2.99
C VAL A 343 -9.38 1.91 3.40
N ILE A 344 -9.99 0.80 3.03
CA ILE A 344 -9.52 -0.52 3.41
C ILE A 344 -9.05 -1.24 2.15
N PHE A 345 -7.74 -1.43 2.05
CA PHE A 345 -7.12 -2.16 0.98
C PHE A 345 -7.03 -3.62 1.39
N ASP A 346 -8.01 -4.40 0.96
CA ASP A 346 -8.20 -5.78 1.35
C ASP A 346 -7.63 -6.71 0.26
N ARG A 347 -6.31 -6.88 0.27
CA ARG A 347 -5.61 -7.67 -0.72
C ARG A 347 -6.04 -9.14 -0.59
N ALA A 348 -6.22 -9.60 0.64
CA ALA A 348 -6.64 -10.98 0.87
C ALA A 348 -7.93 -11.32 0.12
N GLN A 349 -8.90 -10.43 0.08
CA GLN A 349 -10.18 -10.74 -0.58
C GLN A 349 -10.39 -9.93 -1.85
N LYS A 350 -9.30 -9.35 -2.34
CA LYS A 350 -9.29 -8.70 -3.65
C LYS A 350 -10.40 -7.61 -3.77
N ARG A 351 -10.49 -6.76 -2.75
CA ARG A 351 -11.43 -5.67 -2.74
C ARG A 351 -10.85 -4.43 -2.01
N VAL A 352 -11.40 -3.27 -2.33
CA VAL A 352 -11.05 -2.05 -1.66
C VAL A 352 -12.34 -1.58 -0.97
N GLY A 353 -12.27 -1.35 0.34
CA GLY A 353 -13.44 -0.96 1.10
C GLY A 353 -13.44 0.51 1.46
N PHE A 354 -14.63 1.05 1.68
CA PHE A 354 -14.85 2.47 1.93
C PHE A 354 -15.87 2.63 3.04
N ALA A 355 -15.58 3.52 3.98
CA ALA A 355 -16.56 4.00 4.95
C ALA A 355 -16.33 5.50 5.16
N ALA A 356 -17.38 6.25 5.53
CA ALA A 356 -17.19 7.68 5.88
C ALA A 356 -16.25 7.87 7.09
N SER A 357 -15.33 8.85 7.01
CA SER A 357 -14.42 9.19 8.13
C SER A 357 -15.08 10.16 9.11
N PRO A 358 -15.32 9.72 10.36
CA PRO A 358 -15.87 10.69 11.32
C PRO A 358 -14.97 11.94 11.53
N CYS A 359 -13.65 11.79 11.36
CA CYS A 359 -12.72 12.92 11.45
C CYS A 359 -12.88 13.92 10.30
N ALA A 360 -13.44 13.49 9.17
CA ALA A 360 -13.56 14.39 8.00
C ALA A 360 -14.72 15.39 8.13
N GLU A 361 -14.53 16.39 8.98
CA GLU A 361 -15.56 17.39 9.33
C GLU A 361 -14.99 18.76 9.57
N ILE A 362 -15.58 19.78 8.98
CA ILE A 362 -15.13 21.15 9.18
C ILE A 362 -16.36 21.92 9.64
N ALA A 363 -16.22 22.76 10.66
CA ALA A 363 -17.32 23.60 11.18
C ALA A 363 -18.64 22.85 11.42
N GLY A 364 -18.53 21.65 11.98
CA GLY A 364 -19.71 20.88 12.38
C GLY A 364 -20.32 20.02 11.31
N ALA A 365 -19.86 20.12 10.08
CA ALA A 365 -20.47 19.36 8.97
C ALA A 365 -19.52 18.33 8.37
N ALA A 366 -20.08 17.18 8.03
CA ALA A 366 -19.38 16.16 7.26
C ALA A 366 -19.00 16.73 5.92
N VAL A 367 -17.77 16.47 5.50
CA VAL A 367 -17.29 16.93 4.19
C VAL A 367 -17.34 15.81 3.17
N SER A 368 -17.83 14.64 3.60
CA SER A 368 -18.04 13.52 2.71
C SER A 368 -19.24 12.65 3.14
N GLU A 369 -19.75 11.84 2.21
CA GLU A 369 -20.81 10.89 2.49
C GLU A 369 -20.56 9.63 1.67
N ILE A 370 -21.18 8.55 2.11
CA ILE A 370 -21.25 7.34 1.33
C ILE A 370 -22.69 6.81 1.37
N SER A 371 -23.22 6.38 0.24
CA SER A 371 -24.56 5.79 0.26
C SER A 371 -24.66 4.65 -0.74
N GLY A 372 -25.68 3.83 -0.53
CA GLY A 372 -26.04 2.75 -1.43
C GLY A 372 -27.13 1.91 -0.80
N PRO A 373 -27.67 0.94 -1.55
CA PRO A 373 -27.26 0.56 -2.91
C PRO A 373 -28.05 1.23 -4.02
N PHE A 374 -27.50 1.20 -5.23
CA PHE A 374 -28.15 1.72 -6.43
C PHE A 374 -28.00 0.65 -7.47
N SER A 375 -29.02 0.48 -8.30
CA SER A 375 -29.03 -0.54 -9.36
C SER A 375 -28.06 -0.24 -10.50
N THR A 376 -27.37 -1.26 -10.99
CA THR A 376 -26.44 -1.07 -12.13
C THR A 376 -27.10 -1.54 -13.43
N GLU A 377 -28.41 -1.77 -13.38
CA GLU A 377 -29.12 -2.39 -14.53
C GLU A 377 -29.04 -1.57 -15.82
N ASP A 378 -28.72 -0.28 -15.73
CA ASP A 378 -28.65 0.62 -16.90
C ASP A 378 -27.22 0.92 -17.38
N VAL A 379 -26.24 0.25 -16.81
CA VAL A 379 -24.82 0.48 -17.10
C VAL A 379 -24.28 -0.80 -17.75
N ALA A 380 -23.23 -0.71 -18.56
CA ALA A 380 -22.53 -1.92 -19.05
C ALA A 380 -22.06 -2.79 -17.87
N SER A 381 -22.13 -4.11 -18.00
CA SER A 381 -21.81 -5.00 -16.86
C SER A 381 -20.31 -5.05 -16.53
N ASN A 382 -19.48 -4.65 -17.50
CA ASN A 382 -18.09 -4.33 -17.26
C ASN A 382 -17.72 -3.03 -17.98
N CYS A 383 -17.19 -2.04 -17.24
CA CYS A 383 -16.82 -0.71 -17.76
C CYS A 383 -15.33 -0.52 -18.10
N VAL A 384 -14.56 -1.56 -17.84
CA VAL A 384 -13.12 -1.55 -18.09
C VAL A 384 -12.87 -2.08 -19.49
N PRO A 385 -12.19 -1.28 -20.36
CA PRO A 385 -11.79 -1.79 -21.67
C PRO A 385 -10.65 -2.79 -21.51
N GLN B 1 7.58 -19.67 -11.48
CA GLN B 1 8.87 -18.95 -11.65
C GLN B 1 8.71 -17.43 -11.44
N VAL B 2 8.78 -16.92 -10.20
CA VAL B 2 9.06 -17.67 -8.96
C VAL B 2 8.36 -19.02 -8.88
N GLN B 3 9.16 -20.08 -8.76
CA GLN B 3 8.67 -21.44 -8.57
C GLN B 3 9.41 -21.97 -7.31
N LEU B 4 8.67 -22.47 -6.33
CA LEU B 4 9.29 -22.97 -5.09
C LEU B 4 8.82 -24.37 -4.79
N GLN B 5 9.70 -25.26 -4.34
CA GLN B 5 9.30 -26.64 -4.08
C GLN B 5 9.95 -27.21 -2.81
N GLU B 6 9.17 -27.36 -1.74
CA GLU B 6 9.67 -27.86 -0.45
C GLU B 6 9.77 -29.39 -0.44
N SER B 7 10.66 -29.92 0.39
CA SER B 7 10.76 -31.37 0.60
C SER B 7 11.47 -31.58 1.93
N GLY B 8 11.55 -32.85 2.35
CA GLY B 8 12.22 -33.21 3.58
C GLY B 8 11.33 -33.53 4.77
N GLY B 9 10.03 -33.27 4.66
CA GLY B 9 9.11 -33.61 5.75
C GLY B 9 9.02 -35.09 6.06
N GLY B 10 8.24 -35.44 7.09
CA GLY B 10 8.01 -36.84 7.46
C GLY B 10 7.37 -36.99 8.83
N LEU B 11 7.14 -38.24 9.25
CA LEU B 11 6.56 -38.54 10.54
C LEU B 11 7.66 -38.92 11.51
N VAL B 12 7.75 -38.19 12.61
CA VAL B 12 8.92 -38.26 13.45
C VAL B 12 8.49 -38.34 14.90
N GLN B 13 9.33 -38.87 15.77
CA GLN B 13 8.96 -38.94 17.18
C GLN B 13 9.39 -37.68 17.89
N PRO B 14 8.74 -37.39 19.05
CA PRO B 14 9.16 -36.25 19.87
C PRO B 14 10.64 -36.40 20.15
N GLY B 15 11.36 -35.28 20.09
CA GLY B 15 12.80 -35.25 20.26
C GLY B 15 13.57 -35.54 19.00
N GLY B 16 12.89 -35.84 17.89
CA GLY B 16 13.54 -36.14 16.63
C GLY B 16 13.90 -34.89 15.83
N SER B 17 14.28 -35.10 14.58
CA SER B 17 14.84 -34.04 13.79
C SER B 17 14.70 -34.31 12.28
N LEU B 18 14.73 -33.25 11.49
CA LEU B 18 14.43 -33.29 10.06
C LEU B 18 15.24 -32.21 9.40
N ARG B 19 15.51 -32.35 8.12
CA ARG B 19 16.17 -31.30 7.39
C ARG B 19 15.34 -30.94 6.17
N LEU B 20 14.71 -29.76 6.17
CA LEU B 20 13.84 -29.38 5.05
C LEU B 20 14.66 -28.67 3.99
N SER B 21 14.24 -28.84 2.72
CA SER B 21 14.84 -28.13 1.57
C SER B 21 13.77 -27.48 0.77
N CYS B 22 14.12 -26.34 0.16
CA CYS B 22 13.23 -25.66 -0.75
C CYS B 22 14.03 -25.32 -1.99
N ALA B 23 13.69 -25.99 -3.08
CA ALA B 23 14.37 -25.76 -4.35
C ALA B 23 13.63 -24.65 -5.11
N ALA B 24 14.37 -23.61 -5.48
CA ALA B 24 13.80 -22.42 -6.13
C ALA B 24 14.18 -22.38 -7.61
N SER B 25 13.38 -21.67 -8.44
CA SER B 25 13.73 -21.38 -9.84
C SER B 25 12.88 -20.24 -10.41
N GLY B 26 13.33 -19.66 -11.51
CA GLY B 26 12.54 -18.64 -12.19
C GLY B 26 12.75 -17.25 -11.67
N PHE B 27 13.72 -17.08 -10.77
CA PHE B 27 14.13 -15.77 -10.27
C PHE B 27 15.59 -15.81 -9.76
N THR B 28 16.25 -14.68 -9.50
CA THR B 28 17.62 -14.75 -9.00
C THR B 28 17.62 -15.07 -7.53
N PHE B 29 17.79 -16.35 -7.22
CA PHE B 29 17.77 -16.78 -5.82
C PHE B 29 18.80 -16.07 -4.93
N SER B 30 20.00 -15.83 -5.45
CA SER B 30 21.07 -15.23 -4.62
C SER B 30 20.76 -13.78 -4.23
N SER B 31 19.62 -13.29 -4.68
CA SER B 31 19.18 -11.93 -4.45
C SER B 31 17.99 -11.78 -3.52
N ALA B 32 17.42 -12.90 -3.08
CA ALA B 32 16.12 -12.88 -2.48
C ALA B 32 16.21 -13.19 -0.99
N ILE B 33 15.54 -12.37 -0.20
CA ILE B 33 15.17 -12.74 1.18
C ILE B 33 14.30 -14.00 1.07
N MET B 34 14.53 -15.00 1.93
CA MET B 34 13.76 -16.24 1.91
C MET B 34 13.20 -16.45 3.31
N THR B 35 12.02 -17.03 3.38
CA THR B 35 11.30 -17.21 4.64
C THR B 35 10.68 -18.60 4.74
N TRP B 36 10.72 -19.19 5.94
CA TRP B 36 9.89 -20.37 6.20
C TRP B 36 8.71 -19.98 7.05
N VAL B 37 7.56 -20.51 6.69
CA VAL B 37 6.37 -20.36 7.53
C VAL B 37 5.65 -21.72 7.67
N ARG B 38 4.82 -21.85 8.70
CA ARG B 38 4.11 -23.10 8.91
C ARG B 38 2.64 -22.86 9.20
N GLN B 39 1.83 -23.83 8.81
CA GLN B 39 0.43 -23.83 9.20
C GLN B 39 -0.11 -25.24 9.45
N ALA B 40 -0.73 -25.40 10.61
CA ALA B 40 -1.43 -26.66 10.96
C ALA B 40 -2.94 -26.45 10.77
N PRO B 41 -3.67 -27.50 10.38
CA PRO B 41 -5.11 -27.38 10.21
C PRO B 41 -5.79 -26.81 11.45
N GLY B 42 -6.71 -25.87 11.24
CA GLY B 42 -7.45 -25.24 12.34
C GLY B 42 -6.68 -24.18 13.08
N LYS B 43 -5.47 -23.84 12.62
CA LYS B 43 -4.65 -22.79 13.24
C LYS B 43 -4.27 -21.73 12.23
N GLY B 44 -3.82 -20.59 12.73
CA GLY B 44 -3.36 -19.51 11.87
C GLY B 44 -1.96 -19.80 11.41
N ARG B 45 -1.60 -19.20 10.30
CA ARG B 45 -0.27 -19.30 9.77
C ARG B 45 0.74 -18.73 10.80
N GLU B 46 1.90 -19.36 10.93
CA GLU B 46 2.89 -18.96 11.91
C GLU B 46 4.27 -18.86 11.27
N TRP B 47 4.87 -17.67 11.37
CA TRP B 47 6.21 -17.43 10.82
C TRP B 47 7.23 -18.26 11.56
N VAL B 48 8.18 -18.83 10.83
CA VAL B 48 9.19 -19.64 11.45
C VAL B 48 10.52 -18.92 11.48
N SER B 49 11.01 -18.51 10.29
CA SER B 49 12.37 -18.04 10.15
C SER B 49 12.54 -17.31 8.81
N THR B 50 13.37 -16.28 8.83
CA THR B 50 13.73 -15.50 7.63
C THR B 50 15.26 -15.40 7.50
N ILE B 51 15.74 -15.39 6.27
CA ILE B 51 17.16 -15.28 6.00
C ILE B 51 17.42 -14.31 4.84
N GLY B 52 18.39 -13.40 5.03
CA GLY B 52 18.78 -12.43 3.99
C GLY B 52 19.46 -13.10 2.81
N SER B 53 19.57 -12.39 1.69
CA SER B 53 20.00 -13.06 0.47
C SER B 53 21.43 -13.61 0.58
N ASP B 54 22.31 -12.94 1.34
CA ASP B 54 23.70 -13.42 1.51
C ASP B 54 23.84 -14.46 2.63
N GLY B 55 22.80 -14.62 3.42
CA GLY B 55 22.81 -15.66 4.42
C GLY B 55 23.32 -15.26 5.79
N SER B 56 23.90 -14.08 5.93
CA SER B 56 24.52 -13.65 7.20
C SER B 56 23.51 -13.10 8.20
N ILE B 57 22.35 -12.62 7.71
CA ILE B 57 21.30 -12.16 8.59
C ILE B 57 20.20 -13.24 8.70
N THR B 58 19.95 -13.73 9.92
CA THR B 58 18.88 -14.71 10.14
C THR B 58 18.04 -14.29 11.34
N THR B 59 16.72 -14.48 11.26
CA THR B 59 15.84 -14.22 12.40
C THR B 59 14.93 -15.44 12.64
N TYR B 60 14.42 -15.57 13.87
CA TYR B 60 13.67 -16.76 14.28
C TYR B 60 12.46 -16.39 15.11
N ALA B 61 11.39 -17.15 14.91
CA ALA B 61 10.26 -17.11 15.85
C ALA B 61 10.76 -17.60 17.21
N ASP B 62 10.26 -16.96 18.28
CA ASP B 62 10.60 -17.33 19.66
C ASP B 62 10.29 -18.80 19.95
N SER B 63 9.18 -19.30 19.41
CA SER B 63 8.84 -20.72 19.58
C SER B 63 9.85 -21.75 18.98
N VAL B 64 10.77 -21.30 18.11
CA VAL B 64 11.69 -22.24 17.45
C VAL B 64 13.15 -21.92 17.72
N LYS B 65 13.42 -20.72 18.20
CA LYS B 65 14.77 -20.24 18.52
C LYS B 65 15.59 -21.27 19.30
N GLY B 66 16.76 -21.62 18.79
CA GLY B 66 17.63 -22.63 19.43
C GLY B 66 17.43 -24.04 18.87
N ARG B 67 16.23 -24.39 18.47
CA ARG B 67 16.00 -25.73 17.92
C ARG B 67 16.10 -25.82 16.37
N PHE B 68 15.73 -24.75 15.65
CA PHE B 68 15.82 -24.71 14.18
C PHE B 68 16.91 -23.77 13.74
N THR B 69 17.57 -24.09 12.61
CA THR B 69 18.55 -23.22 11.96
C THR B 69 18.18 -23.12 10.49
N ILE B 70 18.04 -21.90 10.00
CA ILE B 70 17.82 -21.66 8.58
C ILE B 70 19.20 -21.46 7.94
N SER B 71 19.32 -21.84 6.66
CA SER B 71 20.51 -21.61 5.91
C SER B 71 20.13 -21.75 4.44
N ARG B 72 21.11 -21.48 3.58
CA ARG B 72 20.87 -21.45 2.15
C ARG B 72 22.15 -21.75 1.39
N ASP B 73 22.01 -22.27 0.18
CA ASP B 73 23.12 -22.45 -0.74
C ASP B 73 22.74 -21.75 -2.02
N ASN B 74 23.23 -20.53 -2.21
CA ASN B 74 22.90 -19.72 -3.38
C ASN B 74 23.32 -20.38 -4.70
N ALA B 75 24.48 -21.04 -4.72
CA ALA B 75 24.98 -21.75 -5.90
C ALA B 75 24.06 -22.90 -6.28
N ARG B 76 23.35 -23.45 -5.31
CA ARG B 76 22.43 -24.55 -5.61
C ARG B 76 20.97 -24.13 -5.57
N ASN B 77 20.71 -22.83 -5.45
CA ASN B 77 19.33 -22.30 -5.43
C ASN B 77 18.43 -23.04 -4.47
N THR B 78 18.96 -23.36 -3.28
CA THR B 78 18.23 -24.10 -2.24
C THR B 78 18.21 -23.39 -0.89
N LEU B 79 17.04 -23.35 -0.28
CA LEU B 79 16.87 -22.95 1.13
C LEU B 79 16.72 -24.20 2.05
N TYR B 80 17.25 -24.13 3.28
CA TYR B 80 17.12 -25.28 4.21
C TYR B 80 16.58 -24.86 5.53
N LEU B 81 16.08 -25.82 6.29
CA LEU B 81 15.71 -25.61 7.67
C LEU B 81 16.07 -26.88 8.40
N GLN B 82 17.06 -26.77 9.28
CA GLN B 82 17.45 -27.88 10.14
C GLN B 82 16.59 -27.83 11.40
N MET B 83 15.81 -28.87 11.63
CA MET B 83 14.88 -28.90 12.75
C MET B 83 15.35 -29.95 13.78
N ASN B 84 15.60 -29.53 15.02
CA ASN B 84 16.03 -30.45 16.07
C ASN B 84 15.07 -30.35 17.25
N SER B 85 15.15 -31.31 18.17
CA SER B 85 14.30 -31.34 19.38
C SER B 85 12.87 -31.03 19.00
N LEU B 86 12.35 -31.81 18.07
CA LEU B 86 11.00 -31.63 17.58
C LEU B 86 9.99 -32.02 18.65
N LYS B 87 8.92 -31.24 18.76
CA LYS B 87 7.85 -31.57 19.71
C LYS B 87 6.48 -31.59 19.00
N PRO B 88 5.46 -32.21 19.63
CA PRO B 88 4.16 -32.31 18.92
C PRO B 88 3.61 -30.99 18.31
N GLU B 89 3.85 -29.86 18.98
CA GLU B 89 3.34 -28.54 18.56
C GLU B 89 4.05 -28.01 17.31
N ASP B 90 5.14 -28.65 16.91
CA ASP B 90 5.80 -28.35 15.64
C ASP B 90 5.09 -28.97 14.41
N THR B 91 4.03 -29.76 14.62
CA THR B 91 3.29 -30.37 13.51
C THR B 91 2.60 -29.38 12.57
N ALA B 92 2.86 -29.46 11.26
CA ALA B 92 2.33 -28.45 10.32
C ALA B 92 2.80 -28.76 8.94
N VAL B 93 2.18 -28.08 7.97
CA VAL B 93 2.76 -27.98 6.64
C VAL B 93 3.76 -26.83 6.73
N TYR B 94 5.02 -27.10 6.38
CA TYR B 94 6.00 -26.05 6.34
C TYR B 94 6.13 -25.55 4.91
N TYR B 95 5.98 -24.24 4.72
N TYR B 95 6.00 -24.25 4.70
CA TYR B 95 6.10 -23.63 3.39
CA TYR B 95 6.20 -23.73 3.37
C TYR B 95 7.29 -22.69 3.35
C TYR B 95 7.21 -22.60 3.29
N CYS B 96 7.95 -22.61 2.19
CA CYS B 96 8.96 -21.62 1.98
C CYS B 96 8.30 -20.52 1.12
N THR B 97 8.69 -19.26 1.34
CA THR B 97 8.05 -18.16 0.64
C THR B 97 9.00 -17.02 0.30
N SER B 98 8.75 -16.39 -0.84
CA SER B 98 9.55 -15.25 -1.31
C SER B 98 8.71 -14.38 -2.25
N ALA B 99 8.76 -13.07 -2.05
CA ALA B 99 8.05 -12.07 -2.86
C ALA B 99 6.53 -12.35 -3.04
N GLY B 100 5.90 -12.84 -1.98
CA GLY B 100 4.47 -13.12 -2.02
C GLY B 100 4.08 -14.44 -2.65
N ARG B 101 5.07 -15.22 -3.10
CA ARG B 101 4.79 -16.56 -3.60
C ARG B 101 5.22 -17.61 -2.59
N ARG B 102 4.54 -18.76 -2.62
CA ARG B 102 4.88 -19.89 -1.76
C ARG B 102 4.91 -21.23 -2.51
N GLY B 103 5.71 -22.19 -2.05
CA GLY B 103 5.63 -23.54 -2.65
C GLY B 103 4.42 -24.30 -2.08
N PRO B 104 4.17 -25.54 -2.56
CA PRO B 104 3.00 -26.26 -2.04
C PRO B 104 3.19 -26.80 -0.63
N GLY B 105 4.41 -26.73 -0.09
CA GLY B 105 4.65 -27.07 1.29
C GLY B 105 5.07 -28.50 1.53
N THR B 106 5.62 -28.79 2.72
CA THR B 106 5.98 -30.17 3.10
C THR B 106 5.44 -30.48 4.52
N GLN B 107 4.86 -31.67 4.68
CA GLN B 107 4.23 -32.08 5.95
C GLN B 107 5.23 -32.51 6.99
N VAL B 108 5.08 -31.94 8.19
CA VAL B 108 5.90 -32.34 9.30
C VAL B 108 4.94 -32.83 10.39
N THR B 109 4.97 -34.14 10.71
CA THR B 109 4.23 -34.65 11.91
C THR B 109 5.14 -35.13 13.06
N VAL B 110 4.89 -34.63 14.27
CA VAL B 110 5.66 -35.07 15.41
C VAL B 110 4.72 -35.78 16.39
N SER B 111 5.01 -37.05 16.68
CA SER B 111 4.07 -37.92 17.39
C SER B 111 4.71 -39.18 17.97
N SER B 112 4.03 -39.78 18.95
CA SER B 112 4.45 -41.09 19.47
C SER B 112 4.27 -42.24 18.47
F30 WZV C . -2.66 16.53 0.30
C28 WZV C . -2.26 15.51 1.12
F31 WZV C . -3.22 14.55 0.99
F29 WZV C . -2.40 16.05 2.37
C27 WZV C . -0.78 14.97 0.87
O26 WZV C . -0.82 13.96 -0.14
C18 WZV C . 0.34 13.73 -0.84
C23 WZV C . 0.54 12.59 -1.66
N22 WZV C . 1.67 12.36 -2.34
C19 WZV C . 1.41 14.66 -0.74
C20 WZV C . 2.60 14.42 -1.44
C21 WZV C . 2.68 13.25 -2.25
C24 WZV C . 3.95 12.95 -3.01
O25 WZV C . 4.97 13.63 -2.82
N13 WZV C . 3.89 11.89 -3.88
C7 WZV C . 4.91 11.37 -4.67
C12 WZV C . 4.68 10.07 -5.22
C8 WZV C . 6.13 12.02 -4.90
C9 WZV C . 7.07 11.39 -5.70
C10 WZV C . 6.86 10.13 -6.28
C11 WZV C . 5.65 9.45 -6.02
C1 WZV C . 5.38 8.08 -6.64
C2 WZV C . 5.30 8.22 -8.18
C3 WZV C . 4.02 8.95 -8.57
O16 WZV C . 4.00 9.68 -9.55
C14 WZV C . 6.69 7.26 -6.40
N6 WZV C . 4.13 7.54 -6.12
C5 WZV C . 2.98 7.88 -6.67
N15 WZV C . 1.75 7.37 -6.16
N4 WZV C . 2.87 8.75 -7.80
C17 WZV C . 1.63 9.43 -8.14
#